data_1XRE
#
_entry.id   1XRE
#
_cell.length_a   54.842
_cell.length_b   69.866
_cell.length_c   56.574
_cell.angle_alpha   90.00
_cell.angle_beta   106.85
_cell.angle_gamma   90.00
#
_symmetry.space_group_name_H-M   'P 1 21 1'
#
loop_
_entity.id
_entity.type
_entity.pdbx_description
1 polymer 'Superoxide dismutase'
2 non-polymer 'MANGANESE (II) ION'
3 water water
#
_entity_poly.entity_id   1
_entity_poly.type   'polypeptide(L)'
_entity_poly.pdbx_seq_one_letter_code
;GSSHHHHHHMSSFQLPKLSYDYDELEPYIDSNTLSIHHGKHHATYVNNLNAALENYSELHNKSLEELLCNLETLPKEIVT
AVRNNGGGHYCHSLFWEVMSPRGGGEPNGDVAKVIDYYFNTFDNLKDQLSKAAISRFGSGYGWLVLDGEELSVMSTPNQD
TPLQEGKIPLLVIDVWEHAYYLKYQNRRPEFVTNWWHTVNWDRVNEKYLQAIQSQKH
;
_entity_poly.pdbx_strand_id   A,B
#
# COMPACT_ATOMS: atom_id res chain seq x y z
N SER A 12 21.56 -16.10 -4.85
CA SER A 12 21.36 -16.52 -6.29
C SER A 12 20.74 -15.40 -7.15
N PHE A 13 19.50 -14.98 -6.88
CA PHE A 13 18.97 -13.75 -7.51
C PHE A 13 19.79 -12.52 -7.10
N GLN A 14 19.95 -11.59 -8.03
CA GLN A 14 20.81 -10.43 -7.88
C GLN A 14 20.02 -9.16 -8.16
N LEU A 15 20.34 -8.08 -7.44
CA LEU A 15 19.82 -6.75 -7.75
C LEU A 15 20.42 -6.20 -9.05
N PRO A 16 19.59 -5.94 -10.07
CA PRO A 16 20.15 -5.47 -11.33
C PRO A 16 20.71 -4.06 -11.21
N LYS A 17 21.78 -3.77 -11.94
CA LYS A 17 22.21 -2.38 -12.03
C LYS A 17 21.21 -1.55 -12.83
N LEU A 18 20.98 -0.30 -12.43
CA LEU A 18 20.18 0.59 -13.30
C LEU A 18 21.00 0.93 -14.54
N SER A 19 20.31 1.25 -15.63
CA SER A 19 20.95 1.72 -16.89
C SER A 19 21.37 3.21 -16.86
N TYR A 20 21.10 3.87 -15.75
CA TYR A 20 21.28 5.31 -15.63
C TYR A 20 21.59 5.61 -14.14
N ASP A 21 22.05 6.83 -13.86
CA ASP A 21 22.37 7.21 -12.49
C ASP A 21 21.10 7.63 -11.74
N TYR A 22 21.24 7.66 -10.43
CA TYR A 22 20.07 7.92 -9.56
C TYR A 22 19.47 9.32 -9.76
N ASP A 23 20.25 10.26 -10.32
CA ASP A 23 19.71 11.59 -10.64
C ASP A 23 19.24 11.77 -12.10
N GLU A 24 19.26 10.71 -12.90
CA GLU A 24 19.02 10.90 -14.35
C GLU A 24 17.57 10.78 -14.82
N LEU A 25 16.62 10.55 -13.91
CA LEU A 25 15.20 10.70 -14.23
C LEU A 25 14.61 12.01 -13.67
N GLU A 26 15.45 12.90 -13.16
CA GLU A 26 15.01 14.24 -12.80
C GLU A 26 14.52 15.00 -14.04
N PRO A 27 13.48 15.81 -13.91
CA PRO A 27 12.83 16.14 -12.64
C PRO A 27 11.59 15.31 -12.38
N TYR A 28 11.42 14.24 -13.13
CA TYR A 28 10.19 13.47 -13.08
C TYR A 28 10.12 12.57 -11.85
N ILE A 29 11.24 11.96 -11.56
CA ILE A 29 11.45 11.17 -10.35
C ILE A 29 12.72 11.75 -9.70
N ASP A 30 12.59 12.14 -8.43
CA ASP A 30 13.70 12.72 -7.65
C ASP A 30 14.82 11.74 -7.33
N SER A 31 16.04 12.28 -7.20
CA SER A 31 17.23 11.45 -6.96
C SER A 31 17.22 10.64 -5.66
N ASN A 32 16.74 11.24 -4.58
CA ASN A 32 16.70 10.49 -3.31
C ASN A 32 15.73 9.28 -3.43
N THR A 33 14.57 9.52 -4.03
CA THR A 33 13.57 8.46 -4.22
C THR A 33 14.18 7.34 -5.07
N LEU A 34 14.81 7.67 -6.18
CA LEU A 34 15.34 6.59 -7.04
C LEU A 34 16.39 5.75 -6.32
N SER A 35 17.24 6.41 -5.52
CA SER A 35 18.28 5.71 -4.76
C SER A 35 17.70 4.82 -3.69
N ILE A 36 16.67 5.27 -2.99
CA ILE A 36 16.02 4.43 -1.97
C ILE A 36 15.17 3.31 -2.61
N HIS A 37 14.38 3.68 -3.64
CA HIS A 37 13.48 2.74 -4.31
C HIS A 37 14.28 1.54 -4.90
N HIS A 38 15.41 1.84 -5.53
CA HIS A 38 16.31 0.78 -6.06
C HIS A 38 17.18 0.14 -4.96
N GLY A 39 17.90 0.95 -4.20
CA GLY A 39 18.93 0.43 -3.30
C GLY A 39 18.47 -0.03 -1.93
N LYS A 40 17.23 0.32 -1.56
CA LYS A 40 16.66 -0.20 -0.33
C LYS A 40 15.46 -1.12 -0.63
N HIS A 41 14.44 -0.63 -1.34
CA HIS A 41 13.19 -1.42 -1.52
C HIS A 41 13.49 -2.67 -2.38
N HIS A 42 14.07 -2.45 -3.56
CA HIS A 42 14.30 -3.56 -4.48
C HIS A 42 15.35 -4.51 -3.90
N ALA A 43 16.42 -3.95 -3.33
CA ALA A 43 17.44 -4.76 -2.69
C ALA A 43 16.82 -5.69 -1.61
N THR A 44 15.87 -5.16 -0.86
CA THR A 44 15.20 -5.93 0.21
C THR A 44 14.35 -7.11 -0.31
N TYR A 45 13.60 -6.90 -1.39
CA TYR A 45 12.90 -8.00 -2.08
C TYR A 45 13.87 -9.09 -2.55
N VAL A 46 14.98 -8.70 -3.15
CA VAL A 46 15.95 -9.71 -3.57
C VAL A 46 16.51 -10.52 -2.38
N ASN A 47 16.89 -9.85 -1.31
CA ASN A 47 17.49 -10.52 -0.17
C ASN A 47 16.47 -11.45 0.50
N ASN A 48 15.24 -10.97 0.65
CA ASN A 48 14.19 -11.81 1.26
C ASN A 48 13.78 -13.01 0.40
N LEU A 49 13.82 -12.83 -0.93
CA LEU A 49 13.55 -13.92 -1.90
C LEU A 49 14.60 -15.00 -1.74
N ASN A 50 15.87 -14.60 -1.78
CA ASN A 50 17.00 -15.51 -1.54
C ASN A 50 16.95 -16.21 -0.16
N ALA A 51 16.56 -15.49 0.90
CA ALA A 51 16.36 -16.11 2.23
C ALA A 51 15.28 -17.18 2.24
N ALA A 52 14.13 -16.91 1.60
CA ALA A 52 13.03 -17.86 1.50
C ALA A 52 13.46 -19.18 0.81
N LEU A 53 14.32 -19.07 -0.20
CA LEU A 53 14.70 -20.20 -1.03
C LEU A 53 15.98 -20.93 -0.59
N GLU A 54 16.76 -20.30 0.28
CA GLU A 54 18.05 -20.85 0.79
C GLU A 54 18.05 -22.37 0.92
N ASN A 55 17.07 -22.88 1.67
CA ASN A 55 17.08 -24.24 2.16
C ASN A 55 16.16 -25.18 1.36
N TYR A 56 15.75 -24.74 0.17
CA TYR A 56 14.92 -25.56 -0.72
C TYR A 56 15.67 -25.69 -2.04
N SER A 57 16.71 -26.52 -2.05
CA SER A 57 17.59 -26.62 -3.21
C SER A 57 16.91 -27.23 -4.43
N GLU A 58 15.77 -27.91 -4.24
CA GLU A 58 14.95 -28.37 -5.36
C GLU A 58 14.37 -27.23 -6.21
N LEU A 59 14.45 -25.99 -5.72
CA LEU A 59 13.91 -24.82 -6.44
C LEU A 59 15.00 -23.90 -6.99
N HIS A 60 16.26 -24.25 -6.79
CA HIS A 60 17.34 -23.32 -7.09
C HIS A 60 17.55 -23.05 -8.57
N ASN A 61 17.01 -23.88 -9.45
CA ASN A 61 17.18 -23.66 -10.89
C ASN A 61 15.93 -23.07 -11.57
N LYS A 62 14.87 -22.82 -10.79
CA LYS A 62 13.66 -22.19 -11.32
C LYS A 62 13.99 -20.75 -11.67
N SER A 63 13.50 -20.29 -12.80
CA SER A 63 13.62 -18.90 -13.14
C SER A 63 12.55 -18.11 -12.38
N LEU A 64 12.73 -16.82 -12.34
CA LEU A 64 11.77 -15.97 -11.65
C LEU A 64 10.32 -16.16 -12.20
N GLU A 65 10.21 -16.21 -13.52
CA GLU A 65 8.93 -16.49 -14.19
C GLU A 65 8.32 -17.81 -13.78
N GLU A 66 9.12 -18.87 -13.69
CA GLU A 66 8.59 -20.20 -13.33
C GLU A 66 8.00 -20.18 -11.92
N LEU A 67 8.72 -19.54 -11.00
CA LEU A 67 8.25 -19.39 -9.63
C LEU A 67 6.88 -18.71 -9.66
N LEU A 68 6.79 -17.58 -10.35
CA LEU A 68 5.59 -16.73 -10.30
C LEU A 68 4.40 -17.31 -11.09
N CYS A 69 4.71 -18.20 -12.04
CA CYS A 69 3.70 -18.94 -12.79
C CYS A 69 3.15 -20.19 -12.09
N ASN A 70 3.80 -20.64 -11.00
CA ASN A 70 3.50 -21.93 -10.35
C ASN A 70 3.45 -21.84 -8.82
N LEU A 71 2.86 -20.76 -8.30
CA LEU A 71 2.93 -20.48 -6.86
C LEU A 71 2.27 -21.52 -5.97
N GLU A 72 1.21 -22.15 -6.48
CA GLU A 72 0.48 -23.22 -5.72
C GLU A 72 1.34 -24.42 -5.38
N THR A 73 2.35 -24.68 -6.21
CA THR A 73 3.10 -25.91 -6.08
C THR A 73 4.28 -25.79 -5.10
N LEU A 74 4.50 -24.58 -4.59
CA LEU A 74 5.57 -24.33 -3.62
C LEU A 74 5.16 -24.82 -2.26
N PRO A 75 6.13 -25.22 -1.42
CA PRO A 75 5.91 -25.47 0.00
C PRO A 75 5.13 -24.32 0.69
N LYS A 76 4.12 -24.67 1.49
CA LYS A 76 3.28 -23.63 2.12
C LYS A 76 4.01 -22.67 3.04
N GLU A 77 5.06 -23.16 3.70
CA GLU A 77 5.92 -22.32 4.52
C GLU A 77 6.48 -21.13 3.74
N ILE A 78 6.62 -21.24 2.41
CA ILE A 78 7.30 -20.16 1.64
C ILE A 78 6.54 -19.50 0.48
N VAL A 79 5.36 -20.01 0.15
CA VAL A 79 4.56 -19.48 -0.95
C VAL A 79 4.38 -17.94 -0.83
N THR A 80 4.01 -17.46 0.35
CA THR A 80 3.79 -16.02 0.52
C THR A 80 5.07 -15.23 0.28
N ALA A 81 6.16 -15.63 0.92
CA ALA A 81 7.47 -15.00 0.76
C ALA A 81 7.88 -14.96 -0.68
N VAL A 82 7.61 -16.03 -1.42
CA VAL A 82 8.01 -16.05 -2.83
C VAL A 82 7.08 -15.19 -3.67
N ARG A 83 5.77 -15.25 -3.39
CA ARG A 83 4.79 -14.39 -4.05
C ARG A 83 5.19 -12.91 -3.92
N ASN A 84 5.46 -12.50 -2.68
CA ASN A 84 5.69 -11.11 -2.32
C ASN A 84 7.09 -10.65 -2.77
N ASN A 85 8.11 -11.43 -2.43
CA ASN A 85 9.48 -10.99 -2.74
C ASN A 85 9.93 -11.30 -4.18
N GLY A 86 9.51 -12.45 -4.69
CA GLY A 86 9.61 -12.75 -6.12
C GLY A 86 8.88 -11.74 -6.98
N GLY A 87 7.65 -11.43 -6.57
CA GLY A 87 6.91 -10.37 -7.24
C GLY A 87 7.68 -9.06 -7.19
N GLY A 88 8.23 -8.71 -6.04
CA GLY A 88 8.91 -7.43 -5.89
C GLY A 88 10.10 -7.38 -6.80
N HIS A 89 10.84 -8.49 -6.86
CA HIS A 89 11.99 -8.56 -7.76
C HIS A 89 11.53 -8.38 -9.21
N TYR A 90 10.52 -9.12 -9.62
CA TYR A 90 10.03 -9.08 -11.02
C TYR A 90 9.54 -7.67 -11.40
N CYS A 91 8.68 -7.10 -10.59
CA CYS A 91 8.03 -5.83 -10.92
C CYS A 91 9.02 -4.66 -11.02
N HIS A 92 9.97 -4.59 -10.10
CA HIS A 92 10.92 -3.49 -10.04
C HIS A 92 11.93 -3.63 -11.18
N SER A 93 12.33 -4.87 -11.45
CA SER A 93 13.28 -5.11 -12.55
C SER A 93 12.70 -4.59 -13.86
N LEU A 94 11.42 -4.88 -14.11
CA LEU A 94 10.80 -4.38 -15.34
C LEU A 94 10.64 -2.86 -15.29
N PHE A 95 10.23 -2.32 -14.16
CA PHE A 95 10.04 -0.87 -13.99
C PHE A 95 11.32 -0.08 -14.38
N TRP A 96 12.49 -0.54 -13.92
CA TRP A 96 13.74 0.19 -14.23
C TRP A 96 14.06 0.14 -15.73
N GLU A 97 13.72 -0.97 -16.37
CA GLU A 97 14.04 -1.16 -17.79
C GLU A 97 13.19 -0.28 -18.72
N VAL A 98 11.95 -0.04 -18.34
CA VAL A 98 11.05 0.73 -19.16
C VAL A 98 11.05 2.25 -18.90
N MET A 99 12.00 2.74 -18.09
CA MET A 99 12.26 4.18 -18.00
C MET A 99 13.67 4.48 -18.49
N SER A 100 13.88 5.74 -18.90
CA SER A 100 15.14 6.20 -19.53
C SER A 100 15.36 7.72 -19.34
N PRO A 101 16.63 8.15 -19.19
CA PRO A 101 16.92 9.59 -19.27
C PRO A 101 16.59 10.23 -20.63
N ARG A 102 16.46 9.45 -21.68
CA ARG A 102 16.00 10.04 -22.95
C ARG A 102 14.81 9.28 -23.46
N GLY A 103 13.78 9.21 -22.61
CA GLY A 103 12.52 8.57 -22.99
C GLY A 103 11.41 9.57 -23.21
N GLY A 104 10.17 9.13 -23.08
CA GLY A 104 9.04 10.00 -23.30
C GLY A 104 8.61 10.01 -24.75
N GLY A 105 7.76 10.95 -25.10
CA GLY A 105 7.23 11.02 -26.47
C GLY A 105 6.33 9.84 -26.80
N GLU A 106 6.11 9.62 -28.09
CA GLU A 106 5.15 8.60 -28.55
C GLU A 106 5.82 7.27 -28.78
N PRO A 107 5.04 6.17 -28.74
CA PRO A 107 5.61 4.90 -29.14
C PRO A 107 6.16 4.92 -30.57
N ASN A 108 7.18 4.11 -30.80
CA ASN A 108 7.80 3.89 -32.10
C ASN A 108 7.84 2.41 -32.42
N GLY A 109 8.24 2.07 -33.64
CA GLY A 109 8.44 0.67 -34.00
C GLY A 109 7.16 -0.13 -34.14
N ASP A 110 7.33 -1.45 -34.13
CA ASP A 110 6.22 -2.36 -34.41
C ASP A 110 5.08 -2.22 -33.40
N VAL A 111 5.42 -1.91 -32.15
CA VAL A 111 4.41 -1.88 -31.09
C VAL A 111 3.50 -0.64 -31.20
N ALA A 112 4.00 0.44 -31.79
CA ALA A 112 3.19 1.64 -32.04
C ALA A 112 1.96 1.28 -32.85
N LYS A 113 2.16 0.36 -33.79
CA LYS A 113 1.13 -0.05 -34.69
C LYS A 113 0.06 -0.88 -33.97
N VAL A 114 0.49 -1.81 -33.11
CA VAL A 114 -0.45 -2.66 -32.39
C VAL A 114 -1.18 -1.81 -31.33
N ILE A 115 -0.51 -0.79 -30.81
CA ILE A 115 -1.14 0.16 -29.86
C ILE A 115 -2.31 0.87 -30.56
N ASP A 116 -2.07 1.43 -31.75
CA ASP A 116 -3.15 2.07 -32.52
C ASP A 116 -4.27 1.09 -32.84
N TYR A 117 -3.92 -0.16 -33.15
CA TYR A 117 -4.92 -1.15 -33.46
C TYR A 117 -5.91 -1.36 -32.30
N TYR A 118 -5.39 -1.50 -31.08
CA TYR A 118 -6.25 -1.87 -29.96
C TYR A 118 -6.82 -0.69 -29.19
N PHE A 119 -6.15 0.47 -29.26
CA PHE A 119 -6.55 1.65 -28.51
C PHE A 119 -6.95 2.84 -29.37
N ASN A 120 -6.84 2.65 -30.69
CA ASN A 120 -7.08 3.68 -31.70
C ASN A 120 -5.99 4.76 -31.76
N THR A 121 -5.71 5.44 -30.64
CA THR A 121 -4.61 6.40 -30.55
C THR A 121 -3.75 6.11 -29.32
N PHE A 122 -2.50 6.55 -29.36
CA PHE A 122 -1.63 6.57 -28.19
C PHE A 122 -2.24 7.36 -27.02
N ASP A 123 -2.85 8.52 -27.27
CA ASP A 123 -3.48 9.31 -26.17
C ASP A 123 -4.52 8.46 -25.44
N ASN A 124 -5.24 7.61 -26.17
CA ASN A 124 -6.25 6.76 -25.52
C ASN A 124 -5.59 5.68 -24.65
N LEU A 125 -4.49 5.09 -25.13
CA LEU A 125 -3.73 4.19 -24.28
C LEU A 125 -3.29 4.89 -22.99
N LYS A 126 -2.71 6.07 -23.16
CA LYS A 126 -2.26 6.85 -22.00
C LYS A 126 -3.39 7.08 -21.01
N ASP A 127 -4.54 7.50 -21.50
CA ASP A 127 -5.73 7.65 -20.62
C ASP A 127 -6.12 6.38 -19.86
N GLN A 128 -6.17 5.25 -20.57
CA GLN A 128 -6.60 4.02 -19.97
C GLN A 128 -5.61 3.46 -18.95
N LEU A 129 -4.32 3.49 -19.24
CA LEU A 129 -3.34 2.98 -18.31
C LEU A 129 -3.28 3.90 -17.08
N SER A 130 -3.34 5.21 -17.33
CA SER A 130 -3.34 6.21 -16.25
C SER A 130 -4.49 5.97 -15.27
N LYS A 131 -5.68 5.71 -15.80
CA LYS A 131 -6.91 5.43 -14.99
C LYS A 131 -6.76 4.16 -14.15
N ALA A 132 -6.27 3.10 -14.82
CA ALA A 132 -6.00 1.83 -14.14
C ALA A 132 -5.02 1.99 -12.98
N ALA A 133 -3.99 2.81 -13.17
CA ALA A 133 -2.98 3.04 -12.12
C ALA A 133 -3.56 3.91 -11.01
N ILE A 134 -4.26 4.96 -11.38
CA ILE A 134 -4.78 5.86 -10.35
C ILE A 134 -5.87 5.15 -9.52
N SER A 135 -6.69 4.34 -10.18
CA SER A 135 -7.79 3.55 -9.56
C SER A 135 -7.38 2.34 -8.71
N ARG A 136 -6.10 1.93 -8.76
CA ARG A 136 -5.65 0.86 -7.92
C ARG A 136 -5.63 1.34 -6.45
N PHE A 137 -6.60 0.87 -5.67
CA PHE A 137 -6.69 1.25 -4.26
C PHE A 137 -5.65 0.54 -3.38
N GLY A 138 -4.91 1.31 -2.59
CA GLY A 138 -3.83 0.77 -1.77
C GLY A 138 -2.56 0.66 -2.62
N SER A 139 -1.77 -0.36 -2.34
CA SER A 139 -0.47 -0.55 -3.04
C SER A 139 -0.64 -1.42 -4.28
N GLY A 140 0.11 -1.11 -5.34
CA GLY A 140 0.01 -1.88 -6.57
C GLY A 140 0.67 -1.29 -7.79
N TYR A 141 0.31 -1.86 -8.94
CA TYR A 141 0.87 -1.45 -10.24
C TYR A 141 -0.19 -1.28 -11.33
N GLY A 142 0.08 -0.41 -12.29
CA GLY A 142 -0.67 -0.45 -13.56
C GLY A 142 0.16 -1.13 -14.65
N TRP A 143 -0.50 -1.89 -15.55
CA TRP A 143 0.19 -2.73 -16.54
C TRP A 143 -0.36 -2.56 -17.97
N LEU A 144 0.53 -2.63 -18.95
CA LEU A 144 0.17 -2.96 -20.33
C LEU A 144 0.65 -4.38 -20.61
N VAL A 145 -0.24 -5.22 -21.12
CA VAL A 145 0.07 -6.65 -21.30
C VAL A 145 -0.37 -7.16 -22.67
N LEU A 146 0.26 -8.27 -23.07
CA LEU A 146 -0.11 -9.03 -24.26
C LEU A 146 -0.85 -10.26 -23.80
N ASP A 147 -2.06 -10.41 -24.30
CA ASP A 147 -2.94 -11.49 -23.96
C ASP A 147 -3.30 -12.11 -25.31
N GLY A 148 -2.46 -13.05 -25.75
CA GLY A 148 -2.57 -13.63 -27.08
C GLY A 148 -1.99 -12.70 -28.09
N GLU A 149 -2.84 -12.21 -29.00
CA GLU A 149 -2.45 -11.16 -29.94
C GLU A 149 -2.86 -9.76 -29.42
N GLU A 150 -3.67 -9.72 -28.37
CA GLU A 150 -4.33 -8.49 -27.91
C GLU A 150 -3.54 -7.72 -26.85
N LEU A 151 -3.45 -6.41 -27.01
CA LEU A 151 -2.95 -5.51 -25.96
C LEU A 151 -4.11 -5.08 -25.06
N SER A 152 -3.89 -5.20 -23.74
CA SER A 152 -4.84 -4.72 -22.75
C SER A 152 -4.13 -4.05 -21.57
N VAL A 153 -4.90 -3.26 -20.84
CA VAL A 153 -4.44 -2.57 -19.63
C VAL A 153 -5.07 -3.27 -18.43
N MET A 154 -4.32 -3.38 -17.35
CA MET A 154 -4.87 -3.88 -16.08
C MET A 154 -4.06 -3.35 -14.90
N SER A 155 -4.55 -3.65 -13.71
CA SER A 155 -3.80 -3.38 -12.46
C SER A 155 -3.70 -4.66 -11.59
N THR A 156 -2.72 -4.65 -10.68
CA THR A 156 -2.52 -5.67 -9.67
C THR A 156 -2.31 -5.02 -8.30
N PRO A 157 -2.70 -5.71 -7.21
CA PRO A 157 -2.39 -5.33 -5.85
C PRO A 157 -0.96 -5.73 -5.43
N ASN A 158 -0.35 -4.92 -4.56
CA ASN A 158 0.90 -5.31 -3.87
C ASN A 158 2.01 -5.68 -4.86
N GLN A 159 2.64 -6.86 -4.77
CA GLN A 159 3.66 -7.23 -5.79
C GLN A 159 3.16 -8.38 -6.69
N ASP A 160 1.83 -8.50 -6.80
CA ASP A 160 1.25 -9.51 -7.68
C ASP A 160 1.47 -9.12 -9.14
N THR A 161 1.56 -10.11 -10.03
CA THR A 161 1.87 -9.84 -11.43
C THR A 161 0.86 -10.50 -12.35
N PRO A 162 0.78 -10.06 -13.61
CA PRO A 162 -0.10 -10.75 -14.61
C PRO A 162 0.30 -12.15 -15.05
N LEU A 163 1.48 -12.62 -14.66
CA LEU A 163 2.02 -13.91 -15.15
C LEU A 163 1.13 -15.03 -14.64
N GLN A 164 0.68 -14.90 -13.39
CA GLN A 164 -0.26 -15.85 -12.77
C GLN A 164 -1.48 -16.08 -13.67
N GLU A 165 -1.85 -15.07 -14.48
CA GLU A 165 -3.00 -15.12 -15.40
C GLU A 165 -2.69 -15.46 -16.86
N GLY A 166 -1.45 -15.83 -17.16
CA GLY A 166 -1.05 -16.04 -18.55
C GLY A 166 -0.85 -14.83 -19.47
N LYS A 167 -0.82 -13.60 -18.93
CA LYS A 167 -0.60 -12.40 -19.74
C LYS A 167 0.85 -11.96 -19.63
N ILE A 168 1.38 -11.33 -20.68
CA ILE A 168 2.83 -10.98 -20.76
C ILE A 168 3.03 -9.44 -20.63
N PRO A 169 3.66 -8.98 -19.53
CA PRO A 169 3.96 -7.55 -19.37
C PRO A 169 4.90 -6.93 -20.40
N LEU A 170 4.47 -5.79 -20.93
CA LEU A 170 5.28 -4.94 -21.79
C LEU A 170 5.71 -3.64 -21.09
N LEU A 171 4.87 -3.16 -20.17
CA LEU A 171 5.07 -1.83 -19.56
C LEU A 171 4.38 -1.84 -18.22
N VAL A 172 4.99 -1.21 -17.22
CA VAL A 172 4.45 -1.15 -15.85
C VAL A 172 4.74 0.21 -15.18
N ILE A 173 3.78 0.67 -14.39
CA ILE A 173 3.97 1.80 -13.49
C ILE A 173 3.68 1.39 -12.03
N ASP A 174 4.64 1.70 -11.15
CA ASP A 174 4.58 1.46 -9.71
C ASP A 174 3.76 2.59 -9.04
N VAL A 175 2.62 2.24 -8.43
CA VAL A 175 1.87 3.22 -7.64
C VAL A 175 1.83 2.87 -6.13
N TRP A 176 2.80 2.07 -5.66
CA TRP A 176 3.10 2.09 -4.22
C TRP A 176 3.43 3.52 -3.84
N GLU A 177 3.01 3.97 -2.66
CA GLU A 177 3.33 5.35 -2.19
C GLU A 177 4.84 5.66 -2.16
N HIS A 178 5.68 4.66 -1.87
CA HIS A 178 7.13 4.86 -1.91
C HIS A 178 7.64 5.33 -3.27
N ALA A 179 6.94 5.00 -4.34
CA ALA A 179 7.36 5.40 -5.68
C ALA A 179 7.31 6.89 -5.93
N TYR A 180 6.43 7.58 -5.21
CA TYR A 180 6.12 8.99 -5.47
C TYR A 180 5.95 9.93 -4.26
N TYR A 181 6.03 9.45 -3.02
CA TYR A 181 5.59 10.31 -1.89
C TYR A 181 6.54 11.48 -1.58
N LEU A 182 7.85 11.32 -1.77
CA LEU A 182 8.79 12.39 -1.37
C LEU A 182 8.59 13.63 -2.21
N LYS A 183 8.32 13.45 -3.51
CA LYS A 183 8.16 14.56 -4.45
C LYS A 183 6.72 15.00 -4.61
N TYR A 184 5.79 14.05 -4.63
CA TYR A 184 4.42 14.32 -5.01
C TYR A 184 3.40 14.18 -3.87
N GLN A 185 3.82 13.64 -2.73
CA GLN A 185 2.95 13.42 -1.59
C GLN A 185 1.67 12.71 -2.00
N ASN A 186 0.49 13.22 -1.63
CA ASN A 186 -0.76 12.57 -1.98
C ASN A 186 -1.18 12.63 -3.47
N ARG A 187 -0.42 13.36 -4.31
CA ARG A 187 -0.81 13.69 -5.69
C ARG A 187 -0.32 12.61 -6.69
N ARG A 188 -0.85 11.40 -6.49
CA ARG A 188 -0.59 10.28 -7.40
C ARG A 188 -0.85 10.63 -8.88
N PRO A 189 -1.97 11.30 -9.21
CA PRO A 189 -2.15 11.65 -10.65
C PRO A 189 -1.05 12.52 -11.25
N GLU A 190 -0.49 13.44 -10.48
CA GLU A 190 0.60 14.30 -10.95
C GLU A 190 1.86 13.45 -11.21
N PHE A 191 2.10 12.50 -10.32
CA PHE A 191 3.17 11.54 -10.52
C PHE A 191 2.97 10.75 -11.82
N VAL A 192 1.77 10.24 -12.03
CA VAL A 192 1.49 9.46 -13.25
C VAL A 192 1.70 10.31 -14.51
N THR A 193 1.24 11.56 -14.49
CA THR A 193 1.44 12.49 -15.63
C THR A 193 2.92 12.71 -15.95
N ASN A 194 3.71 12.89 -14.91
CA ASN A 194 5.16 12.99 -15.05
C ASN A 194 5.87 11.71 -15.54
N TRP A 195 5.39 10.56 -15.06
CA TRP A 195 6.02 9.29 -15.36
C TRP A 195 6.05 9.01 -16.88
N TRP A 196 5.04 9.44 -17.63
CA TRP A 196 5.04 9.24 -19.10
C TRP A 196 6.25 9.88 -19.80
N HIS A 197 6.79 10.94 -19.22
CA HIS A 197 7.99 11.55 -19.75
C HIS A 197 9.28 10.71 -19.67
N THR A 198 9.23 9.62 -18.93
CA THR A 198 10.41 8.78 -18.73
C THR A 198 10.41 7.54 -19.60
N VAL A 199 9.29 7.25 -20.24
CA VAL A 199 9.07 5.93 -20.80
C VAL A 199 10.03 5.57 -21.92
N ASN A 200 10.61 4.39 -21.81
CA ASN A 200 11.58 3.87 -22.79
C ASN A 200 10.88 2.99 -23.85
N TRP A 201 10.41 3.64 -24.92
CA TRP A 201 9.61 2.96 -25.94
C TRP A 201 10.44 2.00 -26.75
N ASP A 202 11.74 2.25 -26.81
CA ASP A 202 12.65 1.30 -27.44
C ASP A 202 12.58 -0.03 -26.70
N ARG A 203 12.66 0.01 -25.38
CA ARG A 203 12.65 -1.22 -24.58
C ARG A 203 11.28 -1.91 -24.63
N VAL A 204 10.21 -1.12 -24.56
CA VAL A 204 8.85 -1.69 -24.68
C VAL A 204 8.73 -2.47 -25.99
N ASN A 205 9.22 -1.87 -27.08
CA ASN A 205 9.14 -2.51 -28.39
C ASN A 205 9.91 -3.85 -28.39
N GLU A 206 11.06 -3.88 -27.69
CA GLU A 206 11.85 -5.11 -27.51
C GLU A 206 11.09 -6.16 -26.69
N LYS A 207 10.41 -5.72 -25.65
CA LYS A 207 9.56 -6.64 -24.85
C LYS A 207 8.42 -7.25 -25.67
N TYR A 208 7.84 -6.45 -26.57
CA TYR A 208 6.72 -6.89 -27.39
C TYR A 208 7.21 -7.97 -28.39
N LEU A 209 8.31 -7.71 -29.05
CA LEU A 209 8.89 -8.71 -29.98
C LEU A 209 9.23 -10.02 -29.26
N GLN A 210 9.91 -9.91 -28.14
CA GLN A 210 10.19 -11.06 -27.29
C GLN A 210 8.88 -11.81 -27.02
N ALA A 211 7.84 -11.07 -26.62
CA ALA A 211 6.56 -11.67 -26.27
C ALA A 211 5.97 -12.52 -27.39
N ILE A 212 6.02 -12.03 -28.63
CA ILE A 212 5.52 -12.80 -29.79
C ILE A 212 6.57 -13.78 -30.30
N SER B 12 -23.68 13.19 5.50
CA SER B 12 -22.93 14.38 6.04
C SER B 12 -21.87 14.01 7.09
N PHE B 13 -21.11 12.96 6.82
CA PHE B 13 -19.92 12.71 7.63
C PHE B 13 -18.97 13.92 7.55
N GLN B 14 -18.23 14.16 8.63
CA GLN B 14 -17.29 15.26 8.74
C GLN B 14 -15.88 14.85 9.14
N LEU B 15 -14.88 15.58 8.65
CA LEU B 15 -13.51 15.41 9.09
C LEU B 15 -13.40 15.90 10.53
N PRO B 16 -12.93 15.04 11.44
CA PRO B 16 -12.84 15.49 12.83
C PRO B 16 -11.69 16.46 13.06
N LYS B 17 -11.88 17.34 14.04
CA LYS B 17 -10.81 18.20 14.55
C LYS B 17 -9.81 17.35 15.32
N LEU B 18 -8.54 17.65 15.18
CA LEU B 18 -7.53 16.99 16.00
C LEU B 18 -7.60 17.59 17.41
N SER B 19 -7.20 16.81 18.42
CA SER B 19 -7.08 17.29 19.80
C SER B 19 -5.81 18.10 20.04
N TYR B 20 -5.04 18.32 19.00
CA TYR B 20 -3.69 18.88 19.11
C TYR B 20 -3.38 19.51 17.78
N ASP B 21 -2.45 20.45 17.80
CA ASP B 21 -2.00 21.13 16.60
C ASP B 21 -1.13 20.20 15.78
N TYR B 22 -0.98 20.55 14.51
CA TYR B 22 -0.20 19.73 13.60
C TYR B 22 1.29 19.53 13.96
N ASP B 23 1.88 20.35 14.84
CA ASP B 23 3.28 20.15 15.25
C ASP B 23 3.46 19.42 16.58
N GLU B 24 2.35 18.97 17.17
CA GLU B 24 2.39 18.51 18.56
C GLU B 24 2.79 17.06 18.76
N LEU B 25 2.87 16.28 17.68
CA LEU B 25 3.42 14.90 17.76
C LEU B 25 4.92 14.84 17.41
N GLU B 26 5.52 16.00 17.12
CA GLU B 26 6.97 16.11 16.98
C GLU B 26 7.66 15.70 18.29
N PRO B 27 8.86 15.11 18.19
CA PRO B 27 9.61 14.78 16.98
C PRO B 27 9.30 13.40 16.38
N TYR B 28 8.26 12.73 16.87
CA TYR B 28 7.94 11.34 16.49
C TYR B 28 7.26 11.27 15.10
N ILE B 29 6.31 12.18 14.87
CA ILE B 29 5.64 12.36 13.59
C ILE B 29 5.78 13.84 13.20
N ASP B 30 6.40 14.09 12.05
CA ASP B 30 6.62 15.45 11.49
C ASP B 30 5.32 16.20 11.21
N SER B 31 5.37 17.52 11.36
CA SER B 31 4.17 18.34 11.14
C SER B 31 3.68 18.32 9.70
N ASN B 32 4.60 18.32 8.73
CA ASN B 32 4.15 18.24 7.34
C ASN B 32 3.27 17.01 7.09
N THR B 33 3.73 15.87 7.57
CA THR B 33 3.01 14.61 7.46
C THR B 33 1.65 14.75 8.14
N LEU B 34 1.64 15.20 9.39
CA LEU B 34 0.37 15.28 10.13
C LEU B 34 -0.63 16.17 9.37
N SER B 35 -0.14 17.29 8.82
CA SER B 35 -1.02 18.22 8.10
C SER B 35 -1.61 17.61 6.84
N ILE B 36 -0.78 16.92 6.06
CA ILE B 36 -1.23 16.26 4.82
C ILE B 36 -2.10 15.03 5.14
N HIS B 37 -1.67 14.24 6.10
CA HIS B 37 -2.34 12.99 6.43
C HIS B 37 -3.79 13.24 6.90
N HIS B 38 -3.99 14.22 7.75
CA HIS B 38 -5.32 14.63 8.23
C HIS B 38 -6.03 15.48 7.17
N GLY B 39 -5.36 16.52 6.67
CA GLY B 39 -6.01 17.55 5.86
C GLY B 39 -6.22 17.20 4.42
N LYS B 40 -5.45 16.23 3.90
CA LYS B 40 -5.62 15.78 2.54
C LYS B 40 -6.16 14.34 2.50
N HIS B 41 -5.43 13.38 3.09
CA HIS B 41 -5.83 11.96 2.97
C HIS B 41 -7.17 11.67 3.62
N HIS B 42 -7.28 12.00 4.90
CA HIS B 42 -8.50 11.72 5.66
C HIS B 42 -9.69 12.49 5.07
N ALA B 43 -9.48 13.78 4.80
CA ALA B 43 -10.48 14.63 4.12
C ALA B 43 -11.00 14.01 2.82
N THR B 44 -10.10 13.44 2.00
CA THR B 44 -10.55 12.77 0.78
C THR B 44 -11.45 11.57 1.01
N TYR B 45 -11.15 10.76 2.02
CA TYR B 45 -12.01 9.61 2.33
C TYR B 45 -13.43 10.07 2.77
N VAL B 46 -13.49 11.10 3.60
CA VAL B 46 -14.75 11.67 4.04
C VAL B 46 -15.54 12.18 2.82
N ASN B 47 -14.88 12.96 1.97
CA ASN B 47 -15.54 13.54 0.79
C ASN B 47 -16.04 12.42 -0.16
N ASN B 48 -15.21 11.40 -0.39
CA ASN B 48 -15.64 10.28 -1.24
C ASN B 48 -16.74 9.41 -0.61
N LEU B 49 -16.71 9.27 0.72
CA LEU B 49 -17.78 8.57 1.43
C LEU B 49 -19.12 9.30 1.23
N ASN B 50 -19.11 10.59 1.47
CA ASN B 50 -20.34 11.39 1.31
C ASN B 50 -20.84 11.32 -0.14
N ALA B 51 -19.92 11.41 -1.10
CA ALA B 51 -20.27 11.28 -2.52
C ALA B 51 -20.94 9.93 -2.87
N ALA B 52 -20.47 8.84 -2.26
CA ALA B 52 -21.05 7.50 -2.54
C ALA B 52 -22.46 7.33 -1.98
N LEU B 53 -22.72 7.98 -0.86
CA LEU B 53 -23.98 7.80 -0.13
C LEU B 53 -25.08 8.73 -0.62
N GLU B 54 -24.68 9.82 -1.26
CA GLU B 54 -25.58 10.93 -1.66
C GLU B 54 -26.88 10.51 -2.34
N ASN B 55 -26.78 9.54 -3.26
CA ASN B 55 -27.96 9.08 -4.05
C ASN B 55 -28.77 7.95 -3.43
N TYR B 56 -28.39 7.50 -2.22
CA TYR B 56 -29.11 6.42 -1.56
C TYR B 56 -29.72 6.91 -0.26
N SER B 57 -30.96 7.39 -0.37
CA SER B 57 -31.62 8.06 0.75
C SER B 57 -31.87 7.09 1.89
N GLU B 58 -32.06 5.81 1.56
CA GLU B 58 -32.20 4.74 2.57
C GLU B 58 -31.13 4.82 3.63
N LEU B 59 -29.93 5.23 3.21
CA LEU B 59 -28.71 5.06 4.03
C LEU B 59 -28.31 6.29 4.82
N HIS B 60 -29.01 7.41 4.64
CA HIS B 60 -28.56 8.69 5.20
C HIS B 60 -28.58 8.77 6.73
N ASN B 61 -29.18 7.81 7.41
CA ASN B 61 -29.25 7.83 8.87
C ASN B 61 -28.41 6.74 9.50
N LYS B 62 -27.78 5.91 8.68
CA LYS B 62 -26.94 4.83 9.17
C LYS B 62 -25.65 5.42 9.73
N SER B 63 -25.21 4.90 10.88
CA SER B 63 -23.95 5.36 11.48
C SER B 63 -22.78 4.72 10.73
N LEU B 64 -21.58 5.24 10.96
CA LEU B 64 -20.38 4.70 10.32
C LEU B 64 -20.18 3.25 10.70
N GLU B 65 -20.30 2.97 12.01
CA GLU B 65 -20.17 1.61 12.52
C GLU B 65 -21.21 0.70 11.85
N GLU B 66 -22.45 1.17 11.70
CA GLU B 66 -23.48 0.38 11.04
C GLU B 66 -23.14 0.03 9.60
N LEU B 67 -22.72 1.04 8.85
CA LEU B 67 -22.25 0.84 7.47
C LEU B 67 -21.21 -0.28 7.36
N LEU B 68 -20.17 -0.16 8.18
CA LEU B 68 -19.01 -1.06 8.12
C LEU B 68 -19.23 -2.46 8.70
N CYS B 69 -20.31 -2.61 9.47
CA CYS B 69 -20.65 -3.93 10.04
C CYS B 69 -21.58 -4.68 9.09
N ASN B 70 -22.16 -3.99 8.10
CA ASN B 70 -23.18 -4.56 7.19
C ASN B 70 -22.97 -4.19 5.71
N LEU B 71 -21.71 -4.24 5.29
CA LEU B 71 -21.33 -3.98 3.90
C LEU B 71 -22.12 -4.89 2.94
N GLU B 72 -22.24 -6.17 3.32
CA GLU B 72 -22.95 -7.21 2.52
C GLU B 72 -24.35 -6.81 2.02
N THR B 73 -24.96 -5.79 2.64
CA THR B 73 -26.34 -5.39 2.36
C THR B 73 -26.49 -4.11 1.55
N LEU B 74 -25.41 -3.37 1.32
CA LEU B 74 -25.48 -2.10 0.60
C LEU B 74 -25.66 -2.36 -0.90
N PRO B 75 -26.18 -1.37 -1.65
CA PRO B 75 -26.21 -1.53 -3.11
C PRO B 75 -24.84 -1.90 -3.70
N LYS B 76 -24.83 -2.82 -4.65
CA LYS B 76 -23.58 -3.28 -5.24
C LYS B 76 -22.84 -2.16 -5.94
N GLU B 77 -23.57 -1.14 -6.40
CA GLU B 77 -22.98 -0.02 -7.13
C GLU B 77 -22.09 0.83 -6.24
N ILE B 78 -22.24 0.71 -4.91
CA ILE B 78 -21.45 1.52 -3.98
C ILE B 78 -20.75 0.76 -2.86
N VAL B 79 -20.86 -0.55 -2.79
CA VAL B 79 -20.29 -1.28 -1.66
C VAL B 79 -18.76 -1.05 -1.54
N THR B 80 -18.04 -1.12 -2.66
CA THR B 80 -16.59 -0.93 -2.58
C THR B 80 -16.25 0.49 -2.11
N ALA B 81 -16.97 1.48 -2.62
CA ALA B 81 -16.79 2.87 -2.21
C ALA B 81 -17.01 3.09 -0.72
N VAL B 82 -17.96 2.36 -0.16
CA VAL B 82 -18.26 2.51 1.24
C VAL B 82 -17.21 1.77 2.10
N ARG B 83 -16.84 0.57 1.68
CA ARG B 83 -15.84 -0.23 2.34
C ARG B 83 -14.54 0.56 2.42
N ASN B 84 -14.16 1.14 1.29
CA ASN B 84 -12.85 1.83 1.18
C ASN B 84 -12.81 3.20 1.88
N ASN B 85 -13.84 4.03 1.66
CA ASN B 85 -13.89 5.38 2.18
C ASN B 85 -14.50 5.46 3.56
N GLY B 86 -15.54 4.68 3.80
CA GLY B 86 -16.01 4.49 5.18
C GLY B 86 -14.90 3.93 6.05
N GLY B 87 -14.24 2.90 5.54
CA GLY B 87 -13.02 2.40 6.20
C GLY B 87 -12.01 3.51 6.46
N GLY B 88 -11.67 4.29 5.46
CA GLY B 88 -10.71 5.35 5.66
C GLY B 88 -11.08 6.34 6.76
N HIS B 89 -12.35 6.74 6.82
CA HIS B 89 -12.83 7.68 7.85
C HIS B 89 -12.75 7.00 9.25
N TYR B 90 -13.17 5.75 9.32
CA TYR B 90 -13.14 5.02 10.60
C TYR B 90 -11.72 4.88 11.11
N CYS B 91 -10.82 4.41 10.24
CA CYS B 91 -9.46 4.07 10.66
C CYS B 91 -8.67 5.30 11.02
N HIS B 92 -8.78 6.36 10.24
CA HIS B 92 -8.05 7.59 10.55
C HIS B 92 -8.62 8.28 11.80
N SER B 93 -9.93 8.24 12.00
CA SER B 93 -10.56 8.86 13.17
C SER B 93 -10.05 8.22 14.48
N LEU B 94 -9.96 6.88 14.50
CA LEU B 94 -9.35 6.19 15.65
C LEU B 94 -7.86 6.52 15.79
N PHE B 95 -7.11 6.48 14.68
CA PHE B 95 -5.67 6.75 14.71
C PHE B 95 -5.36 8.07 15.44
N TRP B 96 -6.09 9.14 15.09
CA TRP B 96 -5.84 10.43 15.74
C TRP B 96 -6.17 10.42 17.26
N GLU B 97 -7.20 9.70 17.66
CA GLU B 97 -7.57 9.77 19.08
C GLU B 97 -6.70 8.90 19.98
N VAL B 98 -5.99 7.94 19.41
CA VAL B 98 -5.08 7.10 20.20
C VAL B 98 -3.63 7.65 20.27
N MET B 99 -3.37 8.85 19.70
CA MET B 99 -2.08 9.51 19.85
C MET B 99 -2.25 10.84 20.57
N SER B 100 -1.16 11.30 21.18
CA SER B 100 -1.19 12.49 22.03
C SER B 100 0.20 13.05 22.28
N PRO B 101 0.31 14.39 22.36
CA PRO B 101 1.54 14.97 22.88
C PRO B 101 1.94 14.50 24.30
N ARG B 102 0.97 14.03 25.09
CA ARG B 102 1.25 13.46 26.43
C ARG B 102 1.42 11.94 26.45
N GLY B 103 1.45 11.30 25.29
CA GLY B 103 1.36 9.86 25.24
C GLY B 103 2.66 9.14 25.55
N GLY B 104 2.65 7.83 25.32
CA GLY B 104 3.88 7.05 25.33
C GLY B 104 4.08 6.28 26.61
N GLY B 105 5.21 5.58 26.70
CA GLY B 105 5.51 4.80 27.90
C GLY B 105 4.68 3.54 28.06
N GLU B 106 4.61 3.07 29.30
CA GLU B 106 3.91 1.84 29.67
C GLU B 106 2.42 2.13 29.86
N PRO B 107 1.54 1.14 29.61
CA PRO B 107 0.11 1.42 29.80
C PRO B 107 -0.25 1.68 31.26
N ASN B 108 -1.38 2.35 31.47
CA ASN B 108 -1.94 2.61 32.82
C ASN B 108 -3.37 2.08 32.92
N GLY B 109 -4.03 2.37 34.03
CA GLY B 109 -5.46 2.09 34.21
C GLY B 109 -5.79 0.60 34.14
N ASP B 110 -7.04 0.32 33.86
CA ASP B 110 -7.56 -1.06 33.87
C ASP B 110 -7.04 -1.92 32.72
N VAL B 111 -6.76 -1.28 31.58
CA VAL B 111 -6.36 -1.99 30.39
C VAL B 111 -4.97 -2.64 30.55
N ALA B 112 -4.13 -2.03 31.39
CA ALA B 112 -2.77 -2.54 31.66
C ALA B 112 -2.82 -3.92 32.31
N LYS B 113 -3.86 -4.13 33.11
CA LYS B 113 -4.05 -5.39 33.82
C LYS B 113 -4.53 -6.43 32.84
N VAL B 114 -5.41 -6.03 31.91
CA VAL B 114 -5.92 -6.95 30.91
C VAL B 114 -4.81 -7.29 29.91
N ILE B 115 -3.96 -6.33 29.58
CA ILE B 115 -2.76 -6.60 28.73
C ILE B 115 -1.85 -7.66 29.39
N ASP B 116 -1.54 -7.49 30.67
CA ASP B 116 -0.72 -8.49 31.40
C ASP B 116 -1.39 -9.84 31.44
N TYR B 117 -2.70 -9.85 31.60
CA TYR B 117 -3.42 -11.10 31.61
C TYR B 117 -3.28 -11.86 30.31
N TYR B 118 -3.43 -11.20 29.17
CA TYR B 118 -3.37 -11.92 27.89
C TYR B 118 -1.97 -11.98 27.26
N PHE B 119 -1.04 -11.13 27.65
CA PHE B 119 0.28 -11.13 26.97
C PHE B 119 1.45 -11.45 27.89
N ASN B 120 1.14 -11.67 29.18
CA ASN B 120 2.14 -11.84 30.24
C ASN B 120 2.75 -10.50 30.69
N THR B 121 3.29 -9.71 29.74
CA THR B 121 3.77 -8.34 30.02
C THR B 121 3.42 -7.39 28.87
N PHE B 122 3.53 -6.10 29.15
CA PHE B 122 3.36 -5.07 28.11
C PHE B 122 4.48 -5.16 27.05
N ASP B 123 5.72 -5.37 27.46
CA ASP B 123 6.77 -5.51 26.45
C ASP B 123 6.44 -6.60 25.41
N ASN B 124 5.80 -7.68 25.86
CA ASN B 124 5.35 -8.74 24.94
C ASN B 124 4.18 -8.34 24.01
N LEU B 125 3.19 -7.60 24.53
CA LEU B 125 2.19 -6.99 23.67
C LEU B 125 2.89 -6.16 22.59
N LYS B 126 3.81 -5.29 23.02
CA LYS B 126 4.49 -4.36 22.11
C LYS B 126 5.19 -5.10 20.97
N ASP B 127 5.92 -6.17 21.29
CA ASP B 127 6.55 -7.02 20.27
C ASP B 127 5.55 -7.61 19.30
N GLN B 128 4.43 -8.09 19.83
CA GLN B 128 3.47 -8.80 18.99
C GLN B 128 2.78 -7.85 18.03
N LEU B 129 2.33 -6.71 18.55
CA LEU B 129 1.68 -5.73 17.69
C LEU B 129 2.66 -5.12 16.69
N SER B 130 3.89 -4.85 17.12
CA SER B 130 4.90 -4.28 16.21
C SER B 130 5.14 -5.22 15.04
N LYS B 131 5.32 -6.51 15.35
CA LYS B 131 5.49 -7.56 14.33
C LYS B 131 4.33 -7.61 13.33
N ALA B 132 3.09 -7.55 13.84
CA ALA B 132 1.87 -7.55 13.02
C ALA B 132 1.81 -6.37 12.09
N ALA B 133 2.15 -5.19 12.60
CA ALA B 133 2.22 -3.98 11.77
C ALA B 133 3.32 -4.06 10.69
N ILE B 134 4.47 -4.63 11.04
CA ILE B 134 5.63 -4.65 10.13
C ILE B 134 5.41 -5.67 9.01
N SER B 135 4.77 -6.78 9.38
CA SER B 135 4.51 -7.89 8.48
C SER B 135 3.28 -7.70 7.55
N ARG B 136 2.48 -6.67 7.78
CA ARG B 136 1.37 -6.34 6.89
C ARG B 136 1.88 -5.81 5.56
N PHE B 137 1.89 -6.68 4.54
CA PHE B 137 2.56 -6.42 3.26
C PHE B 137 1.64 -5.54 2.41
N GLY B 138 2.19 -4.44 1.88
CA GLY B 138 1.36 -3.49 1.16
C GLY B 138 0.82 -2.46 2.13
N SER B 139 -0.34 -1.93 1.81
CA SER B 139 -1.00 -0.94 2.65
C SER B 139 -1.89 -1.61 3.71
N GLY B 140 -2.02 -0.99 4.87
CA GLY B 140 -2.90 -1.50 5.94
C GLY B 140 -2.65 -0.97 7.34
N TYR B 141 -3.18 -1.70 8.31
CA TYR B 141 -3.11 -1.28 9.71
C TYR B 141 -2.79 -2.45 10.63
N GLY B 142 -2.16 -2.13 11.77
CA GLY B 142 -2.02 -3.07 12.89
C GLY B 142 -3.01 -2.70 13.97
N TRP B 143 -3.61 -3.70 14.63
CA TRP B 143 -4.70 -3.47 15.59
C TRP B 143 -4.48 -4.27 16.90
N LEU B 144 -4.95 -3.68 18.00
CA LEU B 144 -5.30 -4.38 19.24
C LEU B 144 -6.82 -4.37 19.31
N VAL B 145 -7.41 -5.55 19.47
CA VAL B 145 -8.87 -5.70 19.43
C VAL B 145 -9.36 -6.51 20.62
N LEU B 146 -10.66 -6.39 20.89
CA LEU B 146 -11.35 -7.24 21.85
C LEU B 146 -12.21 -8.21 21.07
N ASP B 147 -11.93 -9.49 21.25
CA ASP B 147 -12.56 -10.57 20.52
C ASP B 147 -13.30 -11.47 21.52
N GLY B 148 -14.44 -10.98 22.00
CA GLY B 148 -15.20 -11.66 23.06
C GLY B 148 -14.89 -10.98 24.36
N GLU B 149 -14.14 -11.65 25.23
CA GLU B 149 -13.54 -11.00 26.40
C GLU B 149 -12.02 -10.86 26.21
N GLU B 150 -11.53 -11.50 25.15
CA GLU B 150 -10.11 -11.72 25.00
C GLU B 150 -9.53 -10.63 24.12
N LEU B 151 -8.42 -10.05 24.54
CA LEU B 151 -7.74 -9.13 23.66
C LEU B 151 -6.67 -9.76 22.80
N SER B 152 -6.60 -9.28 21.57
CA SER B 152 -5.76 -9.91 20.58
C SER B 152 -5.18 -8.90 19.59
N VAL B 153 -4.11 -9.32 18.92
CA VAL B 153 -3.40 -8.51 17.90
C VAL B 153 -3.73 -9.07 16.49
N MET B 154 -3.95 -8.19 15.51
CA MET B 154 -4.14 -8.59 14.12
C MET B 154 -3.80 -7.40 13.19
N SER B 155 -3.79 -7.66 11.88
CA SER B 155 -3.65 -6.62 10.88
C SER B 155 -4.72 -6.77 9.82
N THR B 156 -4.97 -5.67 9.11
CA THR B 156 -5.89 -5.62 8.00
C THR B 156 -5.25 -4.94 6.78
N PRO B 157 -5.72 -5.29 5.56
CA PRO B 157 -5.26 -4.64 4.34
C PRO B 157 -6.00 -3.33 4.07
N ASN B 158 -5.35 -2.40 3.41
CA ASN B 158 -6.00 -1.24 2.85
C ASN B 158 -6.76 -0.45 3.92
N GLN B 159 -8.05 -0.19 3.73
CA GLN B 159 -8.85 0.52 4.74
C GLN B 159 -9.87 -0.41 5.41
N ASP B 160 -9.56 -1.72 5.41
CA ASP B 160 -10.43 -2.71 6.06
C ASP B 160 -10.31 -2.64 7.58
N THR B 161 -11.42 -2.98 8.27
CA THR B 161 -11.47 -2.93 9.73
C THR B 161 -11.87 -4.28 10.35
N PRO B 162 -11.58 -4.45 11.65
CA PRO B 162 -12.01 -5.67 12.34
C PRO B 162 -13.53 -5.77 12.59
N LEU B 163 -14.27 -4.70 12.35
CA LEU B 163 -15.75 -4.67 12.57
C LEU B 163 -16.47 -5.76 11.78
N GLN B 164 -16.14 -5.82 10.50
CA GLN B 164 -16.47 -6.92 9.58
C GLN B 164 -16.56 -8.29 10.29
N GLU B 165 -15.60 -8.56 11.18
CA GLU B 165 -15.41 -9.85 11.85
C GLU B 165 -15.96 -9.90 13.27
N GLY B 166 -16.68 -8.85 13.70
CA GLY B 166 -17.21 -8.77 15.05
C GLY B 166 -16.23 -8.43 16.16
N LYS B 167 -15.02 -8.00 15.81
CA LYS B 167 -14.04 -7.62 16.82
C LYS B 167 -14.04 -6.10 16.99
N ILE B 168 -13.75 -5.65 18.21
CA ILE B 168 -13.77 -4.24 18.61
C ILE B 168 -12.37 -3.62 18.76
N PRO B 169 -12.00 -2.69 17.86
CA PRO B 169 -10.73 -1.95 17.95
C PRO B 169 -10.52 -1.17 19.26
N LEU B 170 -9.34 -1.27 19.85
CA LEU B 170 -8.95 -0.46 20.99
C LEU B 170 -7.76 0.46 20.66
N LEU B 171 -6.95 0.06 19.68
CA LEU B 171 -5.75 0.76 19.34
C LEU B 171 -5.38 0.38 17.89
N VAL B 172 -4.80 1.33 17.18
CA VAL B 172 -4.49 1.14 15.76
C VAL B 172 -3.24 1.90 15.40
N ILE B 173 -2.42 1.27 14.53
CA ILE B 173 -1.31 1.91 13.85
C ILE B 173 -1.49 1.83 12.30
N ASP B 174 -1.36 2.99 11.65
CA ASP B 174 -1.45 3.14 10.21
C ASP B 174 -0.05 2.85 9.66
N VAL B 175 0.06 1.80 8.84
CA VAL B 175 1.27 1.49 8.10
C VAL B 175 1.14 1.62 6.55
N TRP B 176 0.18 2.40 6.07
CA TRP B 176 0.26 2.92 4.70
C TRP B 176 1.54 3.73 4.67
N GLU B 177 2.28 3.68 3.58
CA GLU B 177 3.50 4.46 3.41
C GLU B 177 3.32 5.99 3.61
N HIS B 178 2.18 6.54 3.21
CA HIS B 178 1.89 7.94 3.48
C HIS B 178 2.00 8.31 4.96
N ALA B 179 1.81 7.35 5.89
CA ALA B 179 1.87 7.66 7.35
C ALA B 179 3.26 8.03 7.83
N TYR B 180 4.29 7.59 7.09
CA TYR B 180 5.66 7.58 7.58
C TYR B 180 6.79 7.88 6.57
N TYR B 181 6.47 8.04 5.28
CA TYR B 181 7.54 8.08 4.26
C TYR B 181 8.36 9.39 4.36
N LEU B 182 7.71 10.52 4.67
CA LEU B 182 8.48 11.80 4.61
C LEU B 182 9.63 11.82 5.61
N LYS B 183 9.41 11.23 6.79
CA LYS B 183 10.37 11.23 7.87
C LYS B 183 11.21 9.95 7.90
N TYR B 184 10.60 8.78 7.67
CA TYR B 184 11.26 7.47 7.87
C TYR B 184 11.54 6.70 6.59
N GLN B 185 11.03 7.19 5.44
CA GLN B 185 11.19 6.49 4.15
C GLN B 185 10.88 4.98 4.26
N ASN B 186 11.78 4.11 3.80
CA ASN B 186 11.54 2.65 3.86
C ASN B 186 11.58 2.05 5.26
N ARG B 187 12.00 2.83 6.27
CA ARG B 187 12.29 2.28 7.60
C ARG B 187 11.04 2.14 8.48
N ARG B 188 10.12 1.30 8.02
CA ARG B 188 8.85 1.09 8.71
C ARG B 188 9.07 0.63 10.17
N PRO B 189 10.02 -0.30 10.42
CA PRO B 189 10.28 -0.64 11.84
C PRO B 189 10.64 0.56 12.75
N GLU B 190 11.47 1.48 12.25
CA GLU B 190 11.81 2.70 12.97
C GLU B 190 10.57 3.59 13.25
N PHE B 191 9.73 3.78 12.24
CA PHE B 191 8.46 4.46 12.42
C PHE B 191 7.61 3.79 13.54
N VAL B 192 7.46 2.45 13.48
CA VAL B 192 6.65 1.72 14.50
C VAL B 192 7.22 1.96 15.91
N THR B 193 8.54 1.87 16.04
CA THR B 193 9.24 2.15 17.33
C THR B 193 8.91 3.55 17.88
N ASN B 194 8.94 4.56 17.00
CA ASN B 194 8.57 5.92 17.39
C ASN B 194 7.11 6.13 17.68
N TRP B 195 6.26 5.41 16.96
CA TRP B 195 4.81 5.56 17.17
C TRP B 195 4.42 5.20 18.62
N TRP B 196 5.11 4.23 19.20
CA TRP B 196 4.89 3.91 20.60
C TRP B 196 5.07 5.07 21.60
N HIS B 197 5.96 6.02 21.30
CA HIS B 197 6.13 7.23 22.13
C HIS B 197 4.93 8.19 22.12
N THR B 198 3.95 7.93 21.27
CA THR B 198 2.79 8.81 21.10
C THR B 198 1.51 8.29 21.69
N VAL B 199 1.50 7.04 22.13
CA VAL B 199 0.23 6.34 22.43
C VAL B 199 -0.49 6.95 23.64
N ASN B 200 -1.76 7.28 23.44
CA ASN B 200 -2.63 7.88 24.46
C ASN B 200 -3.31 6.77 25.23
N TRP B 201 -2.68 6.34 26.32
CA TRP B 201 -3.20 5.20 27.11
C TRP B 201 -4.50 5.55 27.83
N ASP B 202 -4.72 6.82 28.11
CA ASP B 202 -6.01 7.25 28.65
C ASP B 202 -7.16 6.91 27.67
N ARG B 203 -6.95 7.23 26.39
CA ARG B 203 -7.97 6.94 25.40
C ARG B 203 -8.14 5.45 25.15
N VAL B 204 -7.07 4.68 25.23
CA VAL B 204 -7.16 3.24 25.01
C VAL B 204 -8.05 2.63 26.11
N ASN B 205 -7.88 3.16 27.31
CA ASN B 205 -8.67 2.73 28.47
C ASN B 205 -10.14 3.02 28.32
N GLU B 206 -10.44 4.22 27.83
CA GLU B 206 -11.84 4.62 27.61
C GLU B 206 -12.50 3.72 26.54
N LYS B 207 -11.76 3.39 25.50
CA LYS B 207 -12.25 2.52 24.44
C LYS B 207 -12.47 1.11 24.96
N TYR B 208 -11.60 0.67 25.87
CA TYR B 208 -11.79 -0.62 26.52
C TYR B 208 -13.06 -0.66 27.40
N LEU B 209 -13.19 0.31 28.30
CA LEU B 209 -14.37 0.39 29.18
C LEU B 209 -15.63 0.37 28.34
N GLN B 210 -15.67 1.17 27.27
CA GLN B 210 -16.82 1.18 26.37
C GLN B 210 -17.04 -0.14 25.63
N ALA B 211 -15.95 -0.78 25.20
CA ALA B 211 -16.02 -2.08 24.53
C ALA B 211 -16.76 -3.13 25.36
N ILE B 212 -16.69 -3.01 26.69
CA ILE B 212 -17.58 -3.74 27.60
C ILE B 212 -18.92 -2.99 27.73
#